data_6U7S
#
_entry.id   6U7S
#
_entity_poly.entity_id   1
_entity_poly.type   'polypeptide(L)'
_entity_poly.pdbx_seq_one_letter_code
;GRCYKSKPPICFPD
;
_entity_poly.pdbx_strand_id   A
#
# COMPACT_ATOMS: atom_id res chain seq x y z
N GLY A 1 -4.04 -2.08 6.59
CA GLY A 1 -3.20 -3.22 6.32
C GLY A 1 -3.12 -3.53 4.84
N ARG A 2 -3.77 -2.72 4.04
CA ARG A 2 -3.76 -2.93 2.61
C ARG A 2 -2.55 -2.27 1.99
N CYS A 3 -1.59 -3.07 1.60
CA CYS A 3 -0.39 -2.60 0.95
C CYS A 3 -0.28 -3.13 -0.44
N TYR A 4 -0.08 -2.25 -1.36
CA TYR A 4 0.06 -2.60 -2.74
C TYR A 4 1.48 -2.35 -3.18
N LYS A 5 2.11 -3.39 -3.69
CA LYS A 5 3.48 -3.32 -4.14
C LYS A 5 3.50 -2.72 -5.52
N SER A 6 3.67 -1.45 -5.54
CA SER A 6 3.67 -0.69 -6.74
C SER A 6 4.57 0.49 -6.54
N LYS A 7 4.65 1.35 -7.52
CA LYS A 7 5.39 2.57 -7.40
C LYS A 7 4.48 3.75 -7.70
N PRO A 8 4.12 4.57 -6.70
CA PRO A 8 4.53 4.40 -5.30
C PRO A 8 3.71 3.30 -4.58
N PRO A 9 4.29 2.64 -3.57
CA PRO A 9 3.60 1.60 -2.82
C PRO A 9 2.51 2.19 -1.93
N ILE A 10 1.29 1.96 -2.30
CA ILE A 10 0.15 2.50 -1.60
C ILE A 10 -0.21 1.60 -0.43
N CYS A 11 -0.14 2.15 0.75
CA CYS A 11 -0.50 1.44 1.94
C CYS A 11 -1.57 2.17 2.72
N PHE A 12 -2.63 1.50 2.94
CA PHE A 12 -3.70 1.97 3.76
C PHE A 12 -3.47 1.40 5.14
N PRO A 13 -3.58 2.23 6.20
CA PRO A 13 -3.33 1.82 7.62
C PRO A 13 -4.19 0.64 8.09
N ASP A 14 -5.12 0.22 7.25
CA ASP A 14 -5.96 -0.94 7.49
C ASP A 14 -5.15 -2.21 7.28
N GLY A 1 -4.07 -1.88 6.83
CA GLY A 1 -3.10 -2.94 6.76
C GLY A 1 -3.07 -3.63 5.42
N ARG A 2 -2.96 -2.85 4.37
CA ARG A 2 -2.86 -3.38 3.01
C ARG A 2 -1.89 -2.57 2.21
N CYS A 3 -0.77 -3.15 1.87
CA CYS A 3 0.17 -2.50 1.02
C CYS A 3 0.08 -3.09 -0.36
N TYR A 4 -0.11 -2.25 -1.32
CA TYR A 4 -0.20 -2.68 -2.69
C TYR A 4 1.08 -2.37 -3.38
N LYS A 5 1.62 -3.36 -4.05
CA LYS A 5 2.88 -3.23 -4.72
C LYS A 5 2.75 -2.43 -6.01
N SER A 6 3.17 -1.24 -5.92
CA SER A 6 3.19 -0.30 -6.99
C SER A 6 4.31 0.65 -6.70
N LYS A 7 4.58 1.58 -7.57
CA LYS A 7 5.58 2.57 -7.29
C LYS A 7 4.99 3.97 -7.40
N PRO A 8 4.80 4.70 -6.28
CA PRO A 8 5.12 4.22 -4.92
C PRO A 8 4.06 3.21 -4.40
N PRO A 9 4.40 2.39 -3.38
CA PRO A 9 3.48 1.40 -2.82
C PRO A 9 2.40 2.07 -1.99
N ILE A 10 1.17 1.77 -2.29
CA ILE A 10 0.07 2.37 -1.57
C ILE A 10 -0.30 1.50 -0.38
N CYS A 11 -0.10 2.01 0.80
CA CYS A 11 -0.41 1.30 1.99
C CYS A 11 -1.58 1.91 2.70
N PHE A 12 -2.67 1.19 2.70
CA PHE A 12 -3.85 1.61 3.38
C PHE A 12 -3.72 1.34 4.85
N PRO A 13 -4.04 2.34 5.69
CA PRO A 13 -3.96 2.29 7.17
C PRO A 13 -4.54 1.00 7.79
N ASP A 14 -5.51 0.39 7.12
CA ASP A 14 -6.13 -0.86 7.59
C ASP A 14 -5.18 -2.05 7.50
N GLY A 1 -4.01 -2.46 6.53
CA GLY A 1 -3.36 -3.67 6.08
C GLY A 1 -3.52 -3.86 4.59
N ARG A 2 -3.79 -2.77 3.90
CA ARG A 2 -4.00 -2.79 2.47
C ARG A 2 -2.89 -2.00 1.81
N CYS A 3 -1.83 -2.66 1.44
CA CYS A 3 -0.68 -1.98 0.90
C CYS A 3 -0.20 -2.66 -0.38
N TYR A 4 -0.09 -1.88 -1.44
CA TYR A 4 0.30 -2.39 -2.73
C TYR A 4 1.79 -2.25 -2.93
N LYS A 5 2.38 -3.22 -3.62
CA LYS A 5 3.83 -3.31 -3.80
C LYS A 5 4.26 -2.45 -4.99
N SER A 6 3.32 -2.17 -5.85
CA SER A 6 3.51 -1.34 -7.00
C SER A 6 3.89 0.07 -6.55
N LYS A 7 4.72 0.73 -7.31
CA LYS A 7 5.22 2.03 -6.93
C LYS A 7 4.42 3.13 -7.63
N PRO A 8 4.08 4.24 -6.91
CA PRO A 8 4.42 4.43 -5.48
C PRO A 8 3.60 3.50 -4.58
N PRO A 9 4.18 3.01 -3.46
CA PRO A 9 3.50 2.06 -2.60
C PRO A 9 2.34 2.69 -1.86
N ILE A 10 1.16 2.40 -2.32
CA ILE A 10 -0.04 2.88 -1.69
C ILE A 10 -0.35 1.95 -0.52
N CYS A 11 -0.17 2.45 0.67
CA CYS A 11 -0.32 1.65 1.85
C CYS A 11 -1.28 2.27 2.83
N PHE A 12 -2.44 1.67 2.95
CA PHE A 12 -3.45 2.11 3.87
C PHE A 12 -3.27 1.36 5.17
N PRO A 13 -3.29 2.07 6.32
CA PRO A 13 -3.07 1.49 7.70
C PRO A 13 -4.16 0.48 8.16
N ASP A 14 -4.81 -0.13 7.20
CA ASP A 14 -5.81 -1.15 7.44
C ASP A 14 -5.21 -2.50 7.07
N GLY A 1 -4.24 -2.24 6.40
CA GLY A 1 -3.63 -3.48 6.03
C GLY A 1 -3.83 -3.76 4.59
N ARG A 2 -4.04 -2.71 3.83
CA ARG A 2 -4.25 -2.82 2.41
C ARG A 2 -3.10 -2.10 1.73
N CYS A 3 -2.06 -2.83 1.47
CA CYS A 3 -0.87 -2.26 0.92
C CYS A 3 -0.45 -2.98 -0.32
N TYR A 4 -0.27 -2.23 -1.38
CA TYR A 4 0.05 -2.76 -2.66
C TYR A 4 1.52 -2.53 -2.92
N LYS A 5 2.23 -3.58 -3.22
CA LYS A 5 3.64 -3.47 -3.50
C LYS A 5 3.86 -3.05 -4.93
N SER A 6 3.73 -1.77 -5.15
CA SER A 6 3.93 -1.15 -6.43
C SER A 6 4.40 0.28 -6.19
N LYS A 7 4.62 1.02 -7.24
CA LYS A 7 5.12 2.38 -7.14
C LYS A 7 4.14 3.33 -7.82
N PRO A 8 3.67 4.40 -7.14
CA PRO A 8 4.07 4.74 -5.76
C PRO A 8 3.53 3.74 -4.73
N PRO A 9 4.22 3.59 -3.59
CA PRO A 9 3.82 2.67 -2.54
C PRO A 9 2.50 3.07 -1.87
N ILE A 10 1.43 2.49 -2.34
CA ILE A 10 0.13 2.72 -1.77
C ILE A 10 -0.09 1.72 -0.64
N CYS A 11 0.01 2.20 0.57
CA CYS A 11 -0.12 1.35 1.71
C CYS A 11 -1.04 1.98 2.73
N PHE A 12 -2.22 1.42 2.84
CA PHE A 12 -3.18 1.88 3.79
C PHE A 12 -2.96 1.13 5.10
N PRO A 13 -2.92 1.86 6.23
CA PRO A 13 -2.68 1.29 7.56
C PRO A 13 -3.76 0.29 7.99
N ASP A 14 -4.82 0.20 7.20
CA ASP A 14 -5.88 -0.80 7.40
C ASP A 14 -5.33 -2.19 7.11
N GLY A 1 -3.75 -2.01 6.70
CA GLY A 1 -2.65 -2.89 6.41
C GLY A 1 -2.72 -3.38 5.00
N ARG A 2 -3.22 -2.53 4.11
CA ARG A 2 -3.36 -2.91 2.73
C ARG A 2 -2.25 -2.26 1.95
N CYS A 3 -1.20 -2.94 1.71
CA CYS A 3 -0.10 -2.38 0.95
C CYS A 3 -0.05 -3.00 -0.41
N TYR A 4 -0.05 -2.17 -1.41
CA TYR A 4 0.05 -2.66 -2.75
C TYR A 4 1.45 -2.61 -3.26
N LYS A 5 1.77 -3.54 -4.10
CA LYS A 5 3.02 -3.59 -4.77
C LYS A 5 2.92 -2.72 -6.00
N SER A 6 3.19 -1.48 -5.81
CA SER A 6 3.08 -0.49 -6.83
C SER A 6 4.19 0.51 -6.60
N LYS A 7 4.34 1.45 -7.49
CA LYS A 7 5.29 2.50 -7.29
C LYS A 7 4.59 3.85 -7.35
N PRO A 8 4.50 4.59 -6.22
CA PRO A 8 5.01 4.15 -4.89
C PRO A 8 4.10 3.08 -4.26
N PRO A 9 4.59 2.34 -3.23
CA PRO A 9 3.78 1.34 -2.54
C PRO A 9 2.73 2.02 -1.67
N ILE A 10 1.53 2.04 -2.16
CA ILE A 10 0.44 2.68 -1.47
C ILE A 10 -0.10 1.75 -0.40
N CYS A 11 -0.15 2.24 0.79
CA CYS A 11 -0.66 1.50 1.90
C CYS A 11 -1.89 2.18 2.46
N PHE A 12 -2.86 1.38 2.77
CA PHE A 12 -4.05 1.84 3.42
C PHE A 12 -3.96 1.40 4.87
N PRO A 13 -4.23 2.33 5.80
CA PRO A 13 -4.14 2.16 7.28
C PRO A 13 -4.48 0.77 7.87
N ASP A 14 -5.40 0.04 7.24
CA ASP A 14 -5.79 -1.30 7.71
C ASP A 14 -4.63 -2.28 7.61
N GLY A 1 -4.56 -2.06 6.57
CA GLY A 1 -3.94 -3.38 6.49
C GLY A 1 -3.66 -3.82 5.07
N ARG A 2 -4.23 -3.13 4.13
CA ARG A 2 -4.03 -3.42 2.73
C ARG A 2 -2.88 -2.61 2.22
N CYS A 3 -1.86 -3.25 1.77
CA CYS A 3 -0.73 -2.56 1.23
C CYS A 3 -0.31 -3.26 -0.04
N TYR A 4 -0.10 -2.49 -1.07
CA TYR A 4 0.25 -3.02 -2.35
C TYR A 4 1.54 -2.38 -2.84
N LYS A 5 2.45 -3.21 -3.28
CA LYS A 5 3.73 -2.75 -3.78
C LYS A 5 3.58 -2.29 -5.22
N SER A 6 3.36 -1.03 -5.35
CA SER A 6 3.15 -0.39 -6.61
C SER A 6 4.20 0.71 -6.74
N LYS A 7 4.08 1.49 -7.78
CA LYS A 7 4.92 2.64 -7.98
C LYS A 7 3.99 3.85 -8.11
N PRO A 8 3.89 4.72 -7.08
CA PRO A 8 4.57 4.57 -5.79
C PRO A 8 3.88 3.52 -4.88
N PRO A 9 4.61 2.98 -3.87
CA PRO A 9 4.07 2.00 -2.93
C PRO A 9 2.90 2.57 -2.16
N ILE A 10 1.83 1.82 -2.08
CA ILE A 10 0.65 2.27 -1.42
C ILE A 10 0.28 1.35 -0.27
N CYS A 11 0.53 1.81 0.92
CA CYS A 11 0.24 1.03 2.08
C CYS A 11 -0.84 1.74 2.85
N PHE A 12 -1.96 1.11 2.93
CA PHE A 12 -3.10 1.67 3.57
C PHE A 12 -3.13 1.23 5.01
N PRO A 13 -3.34 2.18 5.94
CA PRO A 13 -3.36 1.90 7.38
C PRO A 13 -4.38 0.85 7.81
N ASP A 14 -5.31 0.50 6.93
CA ASP A 14 -6.32 -0.51 7.23
C ASP A 14 -5.76 -1.93 7.12
N GLY A 1 -3.53 -2.14 6.71
CA GLY A 1 -2.48 -3.07 6.46
C GLY A 1 -2.60 -3.58 5.08
N ARG A 2 -2.90 -2.67 4.19
CA ARG A 2 -3.14 -3.02 2.83
C ARG A 2 -2.24 -2.19 1.94
N CYS A 3 -1.15 -2.76 1.57
CA CYS A 3 -0.22 -2.10 0.69
C CYS A 3 -0.28 -2.70 -0.68
N TYR A 4 -0.44 -1.87 -1.65
CA TYR A 4 -0.43 -2.28 -3.02
C TYR A 4 0.98 -2.19 -3.53
N LYS A 5 1.57 -3.35 -3.79
CA LYS A 5 2.94 -3.45 -4.24
C LYS A 5 3.15 -2.86 -5.63
N SER A 6 3.46 -1.61 -5.62
CA SER A 6 3.76 -0.82 -6.78
C SER A 6 4.69 0.27 -6.30
N LYS A 7 5.15 1.13 -7.17
CA LYS A 7 5.99 2.23 -6.75
C LYS A 7 5.35 3.53 -7.22
N PRO A 8 4.87 4.38 -6.29
CA PRO A 8 4.89 4.14 -4.84
C PRO A 8 3.76 3.18 -4.39
N PRO A 9 4.00 2.41 -3.32
CA PRO A 9 3.00 1.50 -2.79
C PRO A 9 1.91 2.25 -2.07
N ILE A 10 0.70 2.07 -2.52
CA ILE A 10 -0.43 2.69 -1.89
C ILE A 10 -0.78 1.87 -0.66
N CYS A 11 -0.49 2.41 0.49
CA CYS A 11 -0.73 1.73 1.73
C CYS A 11 -1.88 2.33 2.49
N PHE A 12 -2.82 1.50 2.81
CA PHE A 12 -3.93 1.85 3.62
C PHE A 12 -3.69 1.35 5.03
N PRO A 13 -3.92 2.22 6.03
CA PRO A 13 -3.72 1.95 7.50
C PRO A 13 -4.21 0.57 8.01
N ASP A 14 -5.11 -0.05 7.26
CA ASP A 14 -5.64 -1.39 7.58
C ASP A 14 -4.53 -2.43 7.50
N GLY A 1 -4.05 -2.10 6.54
CA GLY A 1 -2.98 -3.05 6.40
C GLY A 1 -2.89 -3.52 4.98
N ARG A 2 -3.28 -2.63 4.07
CA ARG A 2 -3.32 -2.94 2.65
C ARG A 2 -2.23 -2.16 1.94
N CYS A 3 -1.12 -2.78 1.73
CA CYS A 3 -0.02 -2.18 1.01
C CYS A 3 0.04 -2.76 -0.38
N TYR A 4 0.06 -1.92 -1.35
CA TYR A 4 0.14 -2.36 -2.70
C TYR A 4 1.56 -2.28 -3.17
N LYS A 5 1.96 -3.24 -3.97
CA LYS A 5 3.36 -3.36 -4.40
C LYS A 5 3.57 -2.57 -5.69
N SER A 6 2.81 -1.51 -5.81
CA SER A 6 2.82 -0.62 -6.92
C SER A 6 3.99 0.37 -6.83
N LYS A 7 4.03 1.31 -7.73
CA LYS A 7 5.00 2.36 -7.69
C LYS A 7 4.25 3.70 -7.69
N PRO A 8 4.17 4.39 -6.54
CA PRO A 8 4.78 3.97 -5.25
C PRO A 8 3.95 2.91 -4.50
N PRO A 9 4.57 2.17 -3.55
CA PRO A 9 3.86 1.24 -2.70
C PRO A 9 3.01 2.00 -1.70
N ILE A 10 1.73 1.99 -1.90
CA ILE A 10 0.82 2.71 -1.07
C ILE A 10 0.28 1.81 0.03
N CYS A 11 0.24 2.32 1.23
CA CYS A 11 -0.27 1.59 2.36
C CYS A 11 -1.48 2.25 2.97
N PHE A 12 -2.56 1.53 2.95
CA PHE A 12 -3.80 1.95 3.55
C PHE A 12 -3.84 1.40 4.96
N PRO A 13 -4.21 2.25 5.97
CA PRO A 13 -4.20 1.92 7.44
C PRO A 13 -4.82 0.56 7.84
N ASP A 14 -5.63 0.00 6.96
CA ASP A 14 -6.24 -1.32 7.17
C ASP A 14 -5.16 -2.41 7.16
N GLY A 1 -3.45 -1.99 6.60
CA GLY A 1 -2.28 -2.80 6.32
C GLY A 1 -2.19 -3.19 4.86
N ARG A 2 -3.19 -2.84 4.10
CA ARG A 2 -3.25 -3.17 2.68
C ARG A 2 -2.30 -2.27 1.89
N CYS A 3 -1.12 -2.78 1.63
CA CYS A 3 -0.17 -2.07 0.84
C CYS A 3 -0.07 -2.69 -0.52
N TYR A 4 -0.16 -1.88 -1.52
CA TYR A 4 -0.04 -2.35 -2.86
C TYR A 4 1.40 -2.41 -3.24
N LYS A 5 1.70 -3.23 -4.20
CA LYS A 5 3.06 -3.47 -4.61
C LYS A 5 3.45 -2.55 -5.77
N SER A 6 2.60 -1.60 -6.04
CA SER A 6 2.86 -0.60 -7.02
C SER A 6 3.94 0.36 -6.49
N LYS A 7 4.55 1.12 -7.34
CA LYS A 7 5.53 2.11 -6.91
C LYS A 7 4.96 3.50 -7.12
N PRO A 8 4.81 4.32 -6.05
CA PRO A 8 5.16 3.95 -4.66
C PRO A 8 4.06 3.06 -4.05
N PRO A 9 4.39 2.27 -3.00
CA PRO A 9 3.42 1.36 -2.40
C PRO A 9 2.32 2.10 -1.66
N ILE A 10 1.13 2.03 -2.21
CA ILE A 10 -0.02 2.67 -1.62
C ILE A 10 -0.47 1.84 -0.43
N CYS A 11 -0.26 2.36 0.74
CA CYS A 11 -0.62 1.70 1.97
C CYS A 11 -1.86 2.25 2.58
N PHE A 12 -2.86 1.41 2.65
CA PHE A 12 -4.10 1.73 3.31
C PHE A 12 -3.95 1.37 4.79
N PRO A 13 -4.37 2.29 5.69
CA PRO A 13 -4.25 2.18 7.17
C PRO A 13 -4.37 0.76 7.77
N ASP A 14 -5.27 -0.05 7.24
CA ASP A 14 -5.51 -1.41 7.76
C ASP A 14 -4.31 -2.35 7.52
N GLY A 1 -3.90 -2.12 7.02
CA GLY A 1 -3.10 -3.30 6.82
C GLY A 1 -3.25 -3.81 5.41
N ARG A 2 -3.23 -2.89 4.47
CA ARG A 2 -3.40 -3.23 3.07
C ARG A 2 -2.40 -2.43 2.24
N CYS A 3 -1.50 -3.10 1.58
CA CYS A 3 -0.54 -2.44 0.73
C CYS A 3 -0.47 -3.10 -0.63
N TYR A 4 -0.42 -2.28 -1.64
CA TYR A 4 -0.18 -2.72 -2.97
C TYR A 4 1.20 -2.27 -3.32
N LYS A 5 2.07 -3.20 -3.63
CA LYS A 5 3.44 -2.85 -3.92
C LYS A 5 3.64 -2.40 -5.34
N SER A 6 3.24 -1.19 -5.54
CA SER A 6 3.39 -0.46 -6.74
C SER A 6 4.49 0.57 -6.53
N LYS A 7 4.70 1.44 -7.46
CA LYS A 7 5.65 2.51 -7.28
C LYS A 7 4.93 3.85 -7.51
N PRO A 8 4.63 4.64 -6.44
CA PRO A 8 4.93 4.29 -5.03
C PRO A 8 3.94 3.24 -4.47
N PRO A 9 4.32 2.53 -3.40
CA PRO A 9 3.46 1.52 -2.76
C PRO A 9 2.21 2.16 -2.19
N ILE A 10 1.09 1.61 -2.53
CA ILE A 10 -0.16 2.13 -2.05
C ILE A 10 -0.49 1.43 -0.75
N CYS A 11 -0.29 2.13 0.34
CA CYS A 11 -0.54 1.60 1.63
C CYS A 11 -1.67 2.28 2.34
N PHE A 12 -2.57 1.47 2.81
CA PHE A 12 -3.68 1.89 3.59
C PHE A 12 -3.41 1.40 4.99
N PRO A 13 -3.59 2.25 6.02
CA PRO A 13 -3.30 1.92 7.44
C PRO A 13 -4.24 0.84 8.02
N ASP A 14 -5.01 0.22 7.16
CA ASP A 14 -5.90 -0.87 7.51
C ASP A 14 -5.18 -2.19 7.36
N GLY A 1 -3.82 -2.02 6.97
CA GLY A 1 -2.76 -2.98 6.81
C GLY A 1 -2.79 -3.54 5.42
N ARG A 2 -2.90 -2.66 4.44
CA ARG A 2 -3.00 -3.08 3.06
C ARG A 2 -2.01 -2.29 2.25
N CYS A 3 -1.18 -2.96 1.50
CA CYS A 3 -0.23 -2.30 0.64
C CYS A 3 -0.20 -2.95 -0.72
N TYR A 4 -0.38 -2.16 -1.74
CA TYR A 4 -0.26 -2.62 -3.10
C TYR A 4 1.14 -2.35 -3.56
N LYS A 5 1.84 -3.38 -3.99
CA LYS A 5 3.22 -3.22 -4.42
C LYS A 5 3.29 -2.60 -5.82
N SER A 6 3.29 -1.33 -5.81
CA SER A 6 3.36 -0.53 -6.96
C SER A 6 4.43 0.49 -6.65
N LYS A 7 4.71 1.41 -7.51
CA LYS A 7 5.69 2.42 -7.18
C LYS A 7 5.08 3.81 -7.35
N PRO A 8 4.84 4.54 -6.24
CA PRO A 8 5.11 4.08 -4.87
C PRO A 8 4.05 3.09 -4.35
N PRO A 9 4.38 2.24 -3.35
CA PRO A 9 3.43 1.31 -2.77
C PRO A 9 2.32 2.04 -2.04
N ILE A 10 1.11 1.83 -2.45
CA ILE A 10 -0.01 2.50 -1.84
C ILE A 10 -0.47 1.69 -0.64
N CYS A 11 -0.36 2.29 0.52
CA CYS A 11 -0.72 1.64 1.75
C CYS A 11 -1.91 2.30 2.41
N PHE A 12 -2.76 1.47 2.96
CA PHE A 12 -3.94 1.86 3.67
C PHE A 12 -3.80 1.41 5.11
N PRO A 13 -4.11 2.30 6.10
CA PRO A 13 -3.92 2.03 7.56
C PRO A 13 -4.60 0.75 8.10
N ASP A 14 -5.37 0.06 7.26
CA ASP A 14 -5.98 -1.22 7.64
C ASP A 14 -4.94 -2.33 7.57
N GLY A 1 -4.42 -2.10 6.76
CA GLY A 1 -3.64 -3.28 6.52
C GLY A 1 -3.63 -3.69 5.07
N ARG A 2 -3.46 -2.74 4.19
CA ARG A 2 -3.41 -3.03 2.78
C ARG A 2 -2.24 -2.36 2.13
N CYS A 3 -1.43 -3.12 1.47
CA CYS A 3 -0.31 -2.60 0.75
C CYS A 3 -0.32 -3.11 -0.66
N TYR A 4 -0.21 -2.21 -1.58
CA TYR A 4 -0.09 -2.53 -2.96
C TYR A 4 1.32 -2.21 -3.37
N LYS A 5 2.09 -3.24 -3.60
CA LYS A 5 3.46 -3.07 -3.96
C LYS A 5 3.58 -2.71 -5.42
N SER A 6 3.73 -1.45 -5.63
CA SER A 6 3.88 -0.84 -6.91
C SER A 6 4.67 0.43 -6.65
N LYS A 7 4.88 1.27 -7.63
CA LYS A 7 5.56 2.50 -7.39
C LYS A 7 4.67 3.67 -7.85
N PRO A 8 4.27 4.59 -6.94
CA PRO A 8 4.59 4.52 -5.50
C PRO A 8 3.74 3.45 -4.76
N PRO A 9 4.31 2.81 -3.72
CA PRO A 9 3.60 1.79 -2.96
C PRO A 9 2.47 2.38 -2.12
N ILE A 10 1.28 1.92 -2.37
CA ILE A 10 0.10 2.44 -1.71
C ILE A 10 -0.22 1.57 -0.50
N CYS A 11 -0.15 2.15 0.66
CA CYS A 11 -0.47 1.42 1.88
C CYS A 11 -1.54 2.12 2.68
N PHE A 12 -2.49 1.33 3.13
CA PHE A 12 -3.61 1.78 3.92
C PHE A 12 -3.44 1.27 5.34
N PRO A 13 -3.63 2.15 6.35
CA PRO A 13 -3.44 1.82 7.79
C PRO A 13 -4.23 0.59 8.24
N ASP A 14 -5.31 0.31 7.53
CA ASP A 14 -6.18 -0.84 7.80
C ASP A 14 -5.46 -2.15 7.57
N GLY A 1 -4.16 -1.94 6.87
CA GLY A 1 -3.20 -2.98 6.72
C GLY A 1 -3.28 -3.61 5.37
N ARG A 2 -2.93 -2.87 4.35
CA ARG A 2 -2.96 -3.37 2.99
C ARG A 2 -2.06 -2.54 2.09
N CYS A 3 -0.97 -3.13 1.67
CA CYS A 3 -0.06 -2.48 0.78
C CYS A 3 -0.10 -3.10 -0.60
N TYR A 4 -0.24 -2.27 -1.58
CA TYR A 4 -0.17 -2.69 -2.94
C TYR A 4 1.20 -2.37 -3.47
N LYS A 5 1.86 -3.36 -4.01
CA LYS A 5 3.18 -3.15 -4.55
C LYS A 5 3.07 -2.42 -5.87
N SER A 6 3.44 -1.19 -5.84
CA SER A 6 3.42 -0.31 -6.96
C SER A 6 4.50 0.72 -6.72
N LYS A 7 4.59 1.72 -7.56
CA LYS A 7 5.52 2.80 -7.34
C LYS A 7 4.77 4.12 -7.27
N PRO A 8 4.59 4.70 -6.05
CA PRO A 8 5.03 4.11 -4.77
C PRO A 8 4.01 3.06 -4.26
N PRO A 9 4.41 2.21 -3.28
CA PRO A 9 3.51 1.22 -2.70
C PRO A 9 2.35 1.93 -2.00
N ILE A 10 1.15 1.54 -2.33
CA ILE A 10 -0.03 2.16 -1.77
C ILE A 10 -0.47 1.37 -0.55
N CYS A 11 -0.22 1.92 0.60
CA CYS A 11 -0.54 1.29 1.85
C CYS A 11 -1.73 1.95 2.50
N PHE A 12 -2.76 1.20 2.69
CA PHE A 12 -3.93 1.66 3.38
C PHE A 12 -3.73 1.36 4.86
N PRO A 13 -3.97 2.38 5.72
CA PRO A 13 -3.74 2.33 7.19
C PRO A 13 -4.31 1.11 7.92
N ASP A 14 -5.34 0.48 7.36
CA ASP A 14 -5.92 -0.71 7.97
C ASP A 14 -4.90 -1.84 7.96
N GLY A 1 -3.51 -1.71 6.85
CA GLY A 1 -2.39 -2.59 6.71
C GLY A 1 -2.49 -3.35 5.43
N ARG A 2 -2.95 -2.70 4.39
CA ARG A 2 -3.07 -3.32 3.10
C ARG A 2 -2.18 -2.60 2.12
N CYS A 3 -1.03 -3.17 1.87
CA CYS A 3 -0.07 -2.55 1.00
C CYS A 3 -0.12 -3.21 -0.36
N TYR A 4 -0.26 -2.41 -1.39
CA TYR A 4 -0.29 -2.91 -2.73
C TYR A 4 1.03 -2.58 -3.42
N LYS A 5 1.51 -3.51 -4.21
CA LYS A 5 2.75 -3.37 -4.92
C LYS A 5 2.66 -2.36 -6.08
N SER A 6 3.11 -1.16 -5.81
CA SER A 6 3.17 -0.07 -6.76
C SER A 6 4.36 0.82 -6.39
N LYS A 7 4.62 1.85 -7.15
CA LYS A 7 5.68 2.77 -6.84
C LYS A 7 5.15 4.20 -6.75
N PRO A 8 4.98 4.78 -5.55
CA PRO A 8 5.23 4.12 -4.25
C PRO A 8 4.08 3.16 -3.89
N PRO A 9 4.34 2.18 -2.99
CA PRO A 9 3.34 1.20 -2.59
C PRO A 9 2.12 1.86 -1.99
N ILE A 10 0.99 1.62 -2.60
CA ILE A 10 -0.25 2.16 -2.12
C ILE A 10 -0.66 1.32 -0.94
N CYS A 11 -0.47 1.83 0.23
CA CYS A 11 -0.79 1.07 1.38
C CYS A 11 -1.82 1.78 2.22
N PHE A 12 -2.94 1.14 2.34
CA PHE A 12 -4.06 1.62 3.09
C PHE A 12 -3.80 1.39 4.58
N PRO A 13 -4.06 2.43 5.43
CA PRO A 13 -3.77 2.44 6.90
C PRO A 13 -4.21 1.19 7.69
N ASP A 14 -5.11 0.40 7.14
CA ASP A 14 -5.55 -0.86 7.77
C ASP A 14 -4.38 -1.85 7.81
N GLY A 1 -3.94 -2.09 6.80
CA GLY A 1 -3.09 -3.18 6.46
C GLY A 1 -3.37 -3.69 5.08
N ARG A 2 -3.37 -2.81 4.12
CA ARG A 2 -3.61 -3.20 2.75
C ARG A 2 -2.62 -2.47 1.87
N CYS A 3 -1.47 -3.07 1.71
CA CYS A 3 -0.41 -2.47 0.93
C CYS A 3 -0.35 -3.10 -0.44
N TYR A 4 -0.19 -2.29 -1.46
CA TYR A 4 -0.10 -2.79 -2.82
C TYR A 4 1.34 -2.71 -3.29
N LYS A 5 1.77 -3.72 -4.00
CA LYS A 5 3.12 -3.75 -4.52
C LYS A 5 3.20 -2.92 -5.80
N SER A 6 3.38 -1.65 -5.61
CA SER A 6 3.45 -0.67 -6.66
C SER A 6 4.31 0.48 -6.15
N LYS A 7 4.86 1.27 -7.03
CA LYS A 7 5.63 2.43 -6.66
C LYS A 7 5.04 3.68 -7.32
N PRO A 8 4.65 4.72 -6.54
CA PRO A 8 4.81 4.78 -5.08
C PRO A 8 3.95 3.73 -4.35
N PRO A 9 4.45 3.19 -3.22
CA PRO A 9 3.73 2.18 -2.45
C PRO A 9 2.40 2.71 -1.90
N ILE A 10 1.33 2.24 -2.46
CA ILE A 10 0.01 2.61 -2.04
C ILE A 10 -0.46 1.63 -0.99
N CYS A 11 -0.52 2.07 0.24
CA CYS A 11 -0.98 1.22 1.30
C CYS A 11 -1.98 1.93 2.18
N PHE A 12 -3.00 1.21 2.57
CA PHE A 12 -3.99 1.71 3.48
C PHE A 12 -3.61 1.29 4.89
N PRO A 13 -3.64 2.24 5.85
CA PRO A 13 -3.17 2.06 7.26
C PRO A 13 -3.74 0.84 7.99
N ASP A 14 -4.89 0.34 7.57
CA ASP A 14 -5.46 -0.86 8.21
C ASP A 14 -4.57 -2.07 7.94
N GLY A 1 -4.33 -2.21 6.47
CA GLY A 1 -3.46 -3.33 6.19
C GLY A 1 -3.46 -3.67 4.73
N ARG A 2 -3.27 -2.68 3.90
CA ARG A 2 -3.24 -2.89 2.48
C ARG A 2 -2.13 -2.06 1.87
N CYS A 3 -1.14 -2.72 1.36
CA CYS A 3 -0.04 -2.08 0.69
C CYS A 3 0.12 -2.62 -0.69
N TYR A 4 0.28 -1.76 -1.64
CA TYR A 4 0.50 -2.15 -3.01
C TYR A 4 1.97 -2.39 -3.22
N LYS A 5 2.29 -3.26 -4.13
CA LYS A 5 3.68 -3.51 -4.45
C LYS A 5 4.06 -2.71 -5.69
N SER A 6 3.07 -2.14 -6.32
CA SER A 6 3.27 -1.27 -7.42
C SER A 6 3.62 0.11 -6.86
N LYS A 7 4.77 0.61 -7.22
CA LYS A 7 5.21 1.89 -6.72
C LYS A 7 4.52 3.04 -7.45
N PRO A 8 4.16 4.13 -6.74
CA PRO A 8 4.40 4.28 -5.29
C PRO A 8 3.51 3.37 -4.44
N PRO A 9 4.10 2.64 -3.46
CA PRO A 9 3.35 1.74 -2.61
C PRO A 9 2.43 2.48 -1.68
N ILE A 10 1.18 2.47 -2.02
CA ILE A 10 0.19 3.10 -1.23
C ILE A 10 -0.22 2.14 -0.12
N CYS A 11 -0.08 2.57 1.09
CA CYS A 11 -0.42 1.78 2.23
C CYS A 11 -1.58 2.38 2.97
N PHE A 12 -2.59 1.60 3.14
CA PHE A 12 -3.72 1.98 3.92
C PHE A 12 -3.54 1.34 5.29
N PRO A 13 -3.74 2.12 6.39
CA PRO A 13 -3.54 1.65 7.78
C PRO A 13 -4.35 0.40 8.14
N ASP A 14 -5.37 0.12 7.35
CA ASP A 14 -6.20 -1.09 7.52
C ASP A 14 -5.37 -2.35 7.28
N GLY A 1 -4.13 -2.41 6.34
CA GLY A 1 -3.44 -3.56 5.83
C GLY A 1 -3.73 -3.75 4.38
N ARG A 2 -3.61 -2.69 3.63
CA ARG A 2 -3.81 -2.74 2.21
C ARG A 2 -2.78 -1.87 1.56
N CYS A 3 -1.68 -2.46 1.25
CA CYS A 3 -0.60 -1.74 0.68
C CYS A 3 -0.28 -2.35 -0.66
N TYR A 4 -0.01 -1.53 -1.61
CA TYR A 4 0.30 -2.00 -2.95
C TYR A 4 1.77 -2.30 -3.05
N LYS A 5 2.10 -3.39 -3.68
CA LYS A 5 3.48 -3.82 -3.78
C LYS A 5 4.21 -2.96 -4.80
N SER A 6 3.51 -2.60 -5.84
CA SER A 6 4.06 -1.79 -6.88
C SER A 6 3.92 -0.32 -6.51
N LYS A 7 4.94 0.43 -6.81
CA LYS A 7 4.99 1.85 -6.50
C LYS A 7 4.13 2.63 -7.51
N PRO A 8 3.55 3.81 -7.14
CA PRO A 8 3.68 4.45 -5.81
C PRO A 8 3.17 3.57 -4.67
N PRO A 9 3.97 3.44 -3.60
CA PRO A 9 3.60 2.62 -2.48
C PRO A 9 2.53 3.28 -1.61
N ILE A 10 1.30 2.99 -1.96
CA ILE A 10 0.18 3.47 -1.22
C ILE A 10 -0.16 2.37 -0.21
N CYS A 11 0.13 2.63 1.02
CA CYS A 11 -0.02 1.65 2.06
C CYS A 11 -1.08 2.12 3.04
N PHE A 12 -2.25 1.52 2.96
CA PHE A 12 -3.33 1.86 3.85
C PHE A 12 -3.16 1.14 5.18
N PRO A 13 -3.29 1.89 6.29
CA PRO A 13 -3.12 1.37 7.68
C PRO A 13 -3.95 0.12 8.00
N ASP A 14 -5.04 -0.09 7.27
CA ASP A 14 -5.91 -1.26 7.47
C ASP A 14 -5.29 -2.53 6.92
N GLY A 1 -4.23 -2.25 6.45
CA GLY A 1 -3.33 -3.33 6.14
C GLY A 1 -3.24 -3.57 4.66
N ARG A 2 -3.85 -2.70 3.90
CA ARG A 2 -3.87 -2.85 2.47
C ARG A 2 -2.64 -2.17 1.85
N CYS A 3 -1.59 -2.93 1.64
CA CYS A 3 -0.36 -2.39 1.10
C CYS A 3 -0.19 -2.82 -0.36
N TYR A 4 0.05 -1.87 -1.23
CA TYR A 4 0.34 -2.16 -2.61
C TYR A 4 1.80 -1.98 -2.87
N LYS A 5 2.36 -2.94 -3.55
CA LYS A 5 3.78 -2.96 -3.86
C LYS A 5 4.04 -2.18 -5.15
N SER A 6 2.97 -1.89 -5.85
CA SER A 6 3.01 -1.16 -7.09
C SER A 6 3.42 0.29 -6.84
N LYS A 7 4.56 0.65 -7.39
CA LYS A 7 5.18 1.96 -7.24
C LYS A 7 4.30 3.06 -7.86
N PRO A 8 4.03 4.18 -7.14
CA PRO A 8 4.52 4.42 -5.77
C PRO A 8 3.78 3.55 -4.75
N PRO A 9 4.52 2.87 -3.87
CA PRO A 9 3.93 1.92 -2.93
C PRO A 9 3.02 2.60 -1.91
N ILE A 10 1.75 2.30 -2.00
CA ILE A 10 0.75 2.88 -1.14
C ILE A 10 0.21 1.84 -0.20
N CYS A 11 0.12 2.18 1.05
CA CYS A 11 -0.46 1.29 1.99
C CYS A 11 -1.43 2.03 2.87
N PHE A 12 -2.58 1.46 3.01
CA PHE A 12 -3.63 2.02 3.81
C PHE A 12 -3.59 1.32 5.17
N PRO A 13 -3.65 2.08 6.30
CA PRO A 13 -3.54 1.57 7.71
C PRO A 13 -4.44 0.36 8.07
N ASP A 14 -5.38 0.00 7.21
CA ASP A 14 -6.19 -1.20 7.42
C ASP A 14 -5.34 -2.45 7.13
N GLY A 1 -3.74 -2.16 6.97
CA GLY A 1 -2.77 -3.22 6.80
C GLY A 1 -2.84 -3.79 5.40
N ARG A 2 -2.85 -2.92 4.42
CA ARG A 2 -2.99 -3.34 3.05
C ARG A 2 -2.19 -2.41 2.15
N CYS A 3 -1.29 -2.96 1.39
CA CYS A 3 -0.49 -2.19 0.46
C CYS A 3 -0.49 -2.87 -0.89
N TYR A 4 -0.55 -2.11 -1.96
CA TYR A 4 -0.41 -2.70 -3.27
C TYR A 4 1.05 -2.63 -3.66
N LYS A 5 1.55 -3.70 -4.23
CA LYS A 5 2.95 -3.79 -4.59
C LYS A 5 3.23 -3.06 -5.88
N SER A 6 3.39 -1.78 -5.75
CA SER A 6 3.70 -0.89 -6.83
C SER A 6 4.45 0.28 -6.22
N LYS A 7 5.10 1.07 -7.02
CA LYS A 7 5.77 2.25 -6.52
C LYS A 7 5.26 3.47 -7.25
N PRO A 8 4.87 4.54 -6.53
CA PRO A 8 4.92 4.63 -5.06
C PRO A 8 3.94 3.66 -4.37
N PRO A 9 4.36 3.05 -3.25
CA PRO A 9 3.54 2.10 -2.51
C PRO A 9 2.31 2.74 -1.90
N ILE A 10 1.16 2.32 -2.39
CA ILE A 10 -0.09 2.79 -1.87
C ILE A 10 -0.54 1.87 -0.73
N CYS A 11 -0.46 2.39 0.46
CA CYS A 11 -0.82 1.66 1.63
C CYS A 11 -2.02 2.26 2.31
N PHE A 12 -2.85 1.39 2.81
CA PHE A 12 -4.01 1.75 3.56
C PHE A 12 -3.74 1.36 5.00
N PRO A 13 -4.02 2.27 5.97
CA PRO A 13 -3.67 2.09 7.40
C PRO A 13 -4.35 0.89 8.11
N ASP A 14 -5.07 0.08 7.37
CA ASP A 14 -5.69 -1.12 7.92
C ASP A 14 -4.69 -2.27 7.86
N GLY A 1 -3.68 -2.35 6.66
CA GLY A 1 -2.92 -3.51 6.21
C GLY A 1 -2.69 -3.56 4.72
N ARG A 2 -3.71 -3.29 3.95
CA ARG A 2 -3.64 -3.33 2.49
C ARG A 2 -2.61 -2.33 1.93
N CYS A 3 -1.64 -2.87 1.22
CA CYS A 3 -0.62 -2.10 0.57
C CYS A 3 -0.46 -2.55 -0.86
N TYR A 4 -0.43 -1.61 -1.75
CA TYR A 4 -0.16 -1.89 -3.12
C TYR A 4 1.33 -1.86 -3.25
N LYS A 5 1.89 -3.00 -3.56
CA LYS A 5 3.33 -3.21 -3.57
C LYS A 5 3.96 -2.79 -4.89
N SER A 6 3.37 -1.82 -5.51
CA SER A 6 3.88 -1.25 -6.70
C SER A 6 4.65 0.01 -6.31
N LYS A 7 5.11 0.77 -7.26
CA LYS A 7 5.70 2.03 -6.96
C LYS A 7 4.86 3.13 -7.62
N PRO A 8 4.43 4.14 -6.87
CA PRO A 8 4.68 4.25 -5.43
C PRO A 8 3.75 3.33 -4.61
N PRO A 9 4.24 2.77 -3.50
CA PRO A 9 3.42 1.93 -2.64
C PRO A 9 2.25 2.71 -2.06
N ILE A 10 1.08 2.18 -2.25
CA ILE A 10 -0.13 2.80 -1.75
C ILE A 10 -0.62 1.99 -0.57
N CYS A 11 -0.51 2.54 0.60
CA CYS A 11 -0.87 1.83 1.79
C CYS A 11 -2.03 2.42 2.52
N PHE A 12 -2.90 1.56 2.95
CA PHE A 12 -3.99 1.88 3.78
C PHE A 12 -3.60 1.36 5.15
N PRO A 13 -3.74 2.16 6.22
CA PRO A 13 -3.25 1.82 7.58
C PRO A 13 -3.94 0.60 8.23
N ASP A 14 -4.76 -0.08 7.47
CA ASP A 14 -5.43 -1.28 7.94
C ASP A 14 -4.76 -2.53 7.40
#